data_6Y7F
#
_entry.id   6Y7F
#
_cell.length_a   63.229
_cell.length_b   72.459
_cell.length_c   112.043
_cell.angle_alpha   90
_cell.angle_beta   100.03
_cell.angle_gamma   90
#
_symmetry.space_group_name_H-M   'P 1 21 1'
#
loop_
_entity.id
_entity.type
_entity.pdbx_description
1 polymer 'Elongation of very long chain fatty acids protein 7'
2 non-polymer '~{S}-[2-[3-[[(2~{R})-4-[[[(2~{R},3~{S},4~{R},5~{R})-5-(6-aminopurin-9-yl)-4-oxidanyl-3-phosphonooxy-oxolan-2-yl]methoxy-oxidanyl-phosphoryl]oxy-oxidanyl-phosphoryl]oxy-3,3-dimethyl-2-oxidanyl-butanoyl]amino]propanoylamino]ethyl] 3-oxidanylideneicosanethioate'
3 non-polymer 'Octyl Glucose Neopentyl Glycol'
4 non-polymer 'CHLORIDE ION'
5 water water
#
_entity_poly.entity_id   1
_entity_poly.type   'polypeptide(L)'
_entity_poly.pdbx_seq_one_letter_code
;MAFSDLTSRTVHLYDNWIKDADPRVEDWLLMSSPLPQTILLGFYVYFVTSLGPKLMENRKPFELKKAMITYNFFIVLFSV
YMCYEFVMSGWGIGYSFRCDIVDYSRSPTALRMARTCWLYYFSKFIELLDTIFFVLRKKNSQVTFLHVFHHTIMPWTWWF
GVKFAAGGLGTFHALLNTAVHVVMYSYYGLSALGPAYQKYLWWKKYLTSLQLVQFVIVAIHISQFFFMEDCKYQFPVFAC
IIMSYSFMFLLLFLHFWYRAYTKGQRLPKTVKNGTCKNKDNAENLYFQ
;
_entity_poly.pdbx_strand_id   A,B
#
loop_
_chem_comp.id
_chem_comp.type
_chem_comp.name
_chem_comp.formula
37X non-polymer 'Octyl Glucose Neopentyl Glycol' 'C27 H52 O12'
CL non-polymer 'CHLORIDE ION' 'Cl -1'
OFN non-polymer '~{S}-[2-[3-[[(2~{R})-4-[[[(2~{R},3~{S},4~{R},5~{R})-5-(6-aminopurin-9-yl)-4-oxidanyl-3-phosphonooxy-oxolan-2-yl]methoxy-oxidanyl-phosphoryl]oxy-oxidanyl-phosphoryl]oxy-3,3-dimethyl-2-oxidanyl-butanoyl]amino]propanoylamino]ethyl] 3-oxidanylideneicosanethioate' 'C41 H72 N7 O18 P3 S'
#
# COMPACT_ATOMS: atom_id res chain seq x y z
N ASN A 16 17.30 -15.53 21.14
CA ASN A 16 15.96 -15.87 21.62
C ASN A 16 14.97 -15.92 20.46
N TRP A 17 15.08 -14.97 19.54
CA TRP A 17 14.23 -14.88 18.35
C TRP A 17 14.51 -16.04 17.36
N ILE A 18 15.76 -16.49 17.28
CA ILE A 18 16.12 -17.62 16.41
C ILE A 18 15.70 -18.98 17.01
N LYS A 19 15.18 -19.03 18.25
CA LYS A 19 14.69 -20.28 18.84
C LYS A 19 13.37 -20.73 18.16
N ASP A 20 12.69 -19.85 17.43
CA ASP A 20 11.45 -20.16 16.71
C ASP A 20 11.70 -20.61 15.25
N ALA A 21 12.97 -20.70 14.83
CA ALA A 21 13.29 -21.07 13.48
C ALA A 21 12.99 -22.55 13.23
N ASP A 22 12.70 -22.89 11.97
CA ASP A 22 12.41 -24.25 11.54
C ASP A 22 13.71 -25.03 11.52
N PRO A 23 13.92 -26.04 12.41
CA PRO A 23 15.20 -26.77 12.38
C PRO A 23 15.47 -27.52 11.08
N ARG A 24 14.44 -27.76 10.25
CA ARG A 24 14.64 -28.54 9.00
C ARG A 24 15.56 -27.84 8.03
N VAL A 25 15.59 -26.49 8.02
CA VAL A 25 16.38 -25.75 7.05
C VAL A 25 17.75 -25.28 7.59
N GLU A 26 18.08 -25.59 8.85
CA GLU A 26 19.32 -25.17 9.51
C GLU A 26 20.60 -25.27 8.64
N ASP A 27 20.89 -26.46 8.07
CA ASP A 27 22.10 -26.68 7.30
C ASP A 27 22.03 -26.25 5.82
N TRP A 28 20.90 -25.70 5.39
CA TRP A 28 20.72 -25.36 3.98
C TRP A 28 21.47 -24.08 3.60
N LEU A 29 21.93 -24.00 2.33
CA LEU A 29 22.67 -22.88 1.80
C LEU A 29 22.01 -21.53 2.12
N LEU A 30 22.79 -20.66 2.80
CA LEU A 30 22.45 -19.30 3.23
C LEU A 30 21.48 -19.23 4.41
N MET A 31 21.12 -20.36 5.03
CA MET A 31 20.12 -20.33 6.08
C MET A 31 20.68 -20.24 7.51
N SER A 32 22.00 -20.16 7.69
CA SER A 32 22.60 -20.10 9.04
C SER A 32 22.23 -18.80 9.75
N SER A 33 22.26 -17.67 9.03
CA SER A 33 21.92 -16.37 9.59
C SER A 33 21.57 -15.39 8.44
N PRO A 34 20.90 -14.24 8.72
CA PRO A 34 20.60 -13.30 7.62
C PRO A 34 21.81 -12.49 7.16
N LEU A 35 22.98 -12.62 7.84
CA LEU A 35 24.20 -11.87 7.55
C LEU A 35 24.82 -12.19 6.17
N PRO A 36 25.10 -13.46 5.76
CA PRO A 36 25.67 -13.68 4.41
C PRO A 36 24.87 -13.06 3.26
N GLN A 37 23.52 -13.16 3.26
CA GLN A 37 22.72 -12.59 2.19
C GLN A 37 22.71 -11.05 2.26
N THR A 38 22.83 -10.46 3.46
CA THR A 38 22.84 -9.00 3.60
C THR A 38 24.13 -8.45 2.96
N ILE A 39 25.26 -9.15 3.14
CA ILE A 39 26.53 -8.77 2.52
C ILE A 39 26.41 -8.89 1.00
N LEU A 40 25.89 -10.04 0.47
CA LEU A 40 25.68 -10.25 -0.97
C LEU A 40 24.78 -9.17 -1.60
N LEU A 41 23.65 -8.87 -0.96
CA LEU A 41 22.69 -7.89 -1.48
C LEU A 41 23.24 -6.45 -1.33
N GLY A 42 24.08 -6.21 -0.33
CA GLY A 42 24.72 -4.92 -0.15
C GLY A 42 25.69 -4.68 -1.29
N PHE A 43 26.45 -5.72 -1.66
CA PHE A 43 27.39 -5.66 -2.77
C PHE A 43 26.63 -5.52 -4.11
N TYR A 44 25.50 -6.22 -4.27
CA TYR A 44 24.65 -6.10 -5.46
C TYR A 44 24.13 -4.65 -5.62
N VAL A 45 23.55 -4.06 -4.55
CA VAL A 45 23.02 -2.68 -4.62
C VAL A 45 24.14 -1.71 -4.93
N TYR A 46 25.31 -1.89 -4.27
CA TYR A 46 26.47 -1.05 -4.50
C TYR A 46 26.93 -1.15 -5.95
N PHE A 47 27.00 -2.38 -6.48
CA PHE A 47 27.45 -2.60 -7.85
C PHE A 47 26.49 -1.99 -8.89
N VAL A 48 25.19 -2.33 -8.87
CA VAL A 48 24.26 -1.89 -9.91
C VAL A 48 23.92 -0.39 -9.88
N THR A 49 24.08 0.28 -8.75
CA THR A 49 23.74 1.69 -8.65
C THR A 49 24.97 2.60 -8.67
N SER A 50 26.16 2.08 -8.27
CA SER A 50 27.35 2.90 -8.18
C SER A 50 28.60 2.34 -8.93
N LEU A 51 29.19 1.22 -8.48
CA LEU A 51 30.43 0.68 -9.05
C LEU A 51 30.33 0.28 -10.53
N GLY A 52 29.38 -0.58 -10.88
CA GLY A 52 29.15 -1.04 -12.25
C GLY A 52 29.04 0.06 -13.28
N PRO A 53 28.07 0.99 -13.12
CA PRO A 53 27.94 2.09 -14.09
C PRO A 53 29.19 2.98 -14.19
N LYS A 54 29.97 3.07 -13.11
CA LYS A 54 31.20 3.87 -13.11
C LYS A 54 32.25 3.16 -13.97
N LEU A 55 32.36 1.83 -13.83
CA LEU A 55 33.30 1.03 -14.61
C LEU A 55 32.89 0.96 -16.09
N MET A 56 31.58 1.02 -16.38
CA MET A 56 31.10 0.96 -17.75
C MET A 56 31.10 2.34 -18.45
N GLU A 57 31.22 3.45 -17.70
CA GLU A 57 31.19 4.82 -18.22
C GLU A 57 32.16 5.04 -19.39
N ASN A 58 33.42 4.57 -19.27
CA ASN A 58 34.39 4.76 -20.34
C ASN A 58 34.66 3.44 -21.08
N ARG A 59 33.61 2.63 -21.26
CA ARG A 59 33.68 1.35 -21.97
C ARG A 59 32.50 1.19 -22.94
N LYS A 60 32.66 0.34 -23.96
CA LYS A 60 31.57 0.03 -24.88
C LYS A 60 30.68 -1.06 -24.25
N PRO A 61 29.37 -1.09 -24.56
CA PRO A 61 28.51 -2.11 -23.95
C PRO A 61 28.89 -3.53 -24.33
N PHE A 62 28.66 -4.48 -23.41
CA PHE A 62 28.96 -5.88 -23.67
C PHE A 62 27.89 -6.49 -24.56
N GLU A 63 28.30 -7.39 -25.45
CA GLU A 63 27.37 -8.10 -26.31
C GLU A 63 27.03 -9.39 -25.60
N LEU A 64 25.87 -9.44 -24.97
CA LEU A 64 25.48 -10.60 -24.19
C LEU A 64 24.18 -11.21 -24.68
N LYS A 65 23.89 -11.11 -25.98
CA LYS A 65 22.65 -11.63 -26.57
C LYS A 65 22.45 -13.12 -26.28
N LYS A 66 23.44 -13.97 -26.57
CA LYS A 66 23.34 -15.41 -26.34
C LYS A 66 23.24 -15.74 -24.85
N ALA A 67 23.96 -14.98 -24.01
CA ALA A 67 23.95 -15.17 -22.56
C ALA A 67 22.57 -14.85 -21.99
N MET A 68 21.91 -13.80 -22.53
CA MET A 68 20.58 -13.36 -22.14
C MET A 68 19.53 -14.37 -22.57
N ILE A 69 19.60 -14.86 -23.82
CA ILE A 69 18.65 -15.84 -24.34
C ILE A 69 18.73 -17.14 -23.53
N THR A 70 19.94 -17.65 -23.27
CA THR A 70 20.14 -18.87 -22.48
C THR A 70 19.60 -18.67 -21.06
N TYR A 71 19.94 -17.53 -20.45
CA TYR A 71 19.50 -17.16 -19.11
C TYR A 71 17.98 -17.08 -19.01
N ASN A 72 17.31 -16.40 -19.96
CA ASN A 72 15.86 -16.24 -19.93
C ASN A 72 15.16 -17.59 -20.12
N PHE A 73 15.70 -18.44 -20.98
CA PHE A 73 15.17 -19.77 -21.24
C PHE A 73 15.30 -20.64 -19.99
N PHE A 74 16.45 -20.56 -19.31
CA PHE A 74 16.66 -21.29 -18.08
C PHE A 74 15.67 -20.80 -16.99
N ILE A 75 15.45 -19.47 -16.85
CA ILE A 75 14.54 -18.97 -15.82
C ILE A 75 13.11 -19.42 -16.13
N VAL A 76 12.71 -19.47 -17.41
CA VAL A 76 11.35 -19.90 -17.78
C VAL A 76 11.14 -21.36 -17.34
N LEU A 77 12.10 -22.26 -17.64
CA LEU A 77 12.00 -23.67 -17.30
C LEU A 77 12.08 -23.88 -15.79
N PHE A 78 12.96 -23.12 -15.13
CA PHE A 78 13.10 -23.18 -13.68
C PHE A 78 11.80 -22.71 -12.99
N SER A 79 11.11 -21.70 -13.56
CA SER A 79 9.85 -21.19 -13.03
C SER A 79 8.74 -22.21 -13.22
N VAL A 80 8.69 -22.89 -14.37
CA VAL A 80 7.72 -23.96 -14.64
C VAL A 80 7.94 -25.10 -13.60
N TYR A 81 9.20 -25.44 -13.33
CA TYR A 81 9.57 -26.46 -12.36
C TYR A 81 9.16 -26.06 -10.92
N MET A 82 9.44 -24.82 -10.51
CA MET A 82 9.08 -24.37 -9.17
C MET A 82 7.58 -24.28 -9.01
N CYS A 83 6.84 -23.88 -10.08
CA CYS A 83 5.38 -23.83 -10.05
C CYS A 83 4.83 -25.25 -9.82
N TYR A 84 5.33 -26.21 -10.59
CA TYR A 84 4.93 -27.61 -10.48
C TYR A 84 5.23 -28.14 -9.07
N GLU A 85 6.39 -27.78 -8.50
CA GLU A 85 6.76 -28.26 -7.18
C GLU A 85 5.86 -27.63 -6.11
N PHE A 86 5.47 -26.35 -6.27
CA PHE A 86 4.54 -25.73 -5.32
C PHE A 86 3.17 -26.40 -5.42
N VAL A 87 2.74 -26.77 -6.63
CA VAL A 87 1.46 -27.47 -6.82
C VAL A 87 1.52 -28.90 -6.16
N MET A 88 2.61 -29.62 -6.36
CA MET A 88 2.75 -30.97 -5.83
C MET A 88 3.15 -31.04 -4.34
N SER A 89 3.55 -29.92 -3.75
CA SER A 89 3.94 -29.83 -2.34
C SER A 89 2.74 -29.43 -1.44
N GLY A 90 1.61 -29.01 -2.03
CA GLY A 90 0.44 -28.61 -1.27
C GLY A 90 -0.71 -28.01 -2.03
N TRP A 91 -0.44 -27.02 -2.92
CA TRP A 91 -1.48 -26.25 -3.62
C TRP A 91 -2.44 -27.05 -4.52
N GLY A 92 -1.98 -28.13 -5.11
CA GLY A 92 -2.82 -28.98 -5.96
C GLY A 92 -3.15 -30.32 -5.33
N ILE A 93 -2.76 -30.54 -4.05
CA ILE A 93 -2.97 -31.84 -3.41
C ILE A 93 -3.64 -31.75 -2.03
N GLY A 94 -4.35 -30.66 -1.73
CA GLY A 94 -5.05 -30.59 -0.44
C GLY A 94 -5.21 -29.24 0.21
N TYR A 95 -4.40 -28.25 -0.21
CA TYR A 95 -4.53 -26.88 0.32
C TYR A 95 -5.90 -26.32 -0.04
N SER A 96 -6.55 -25.68 0.92
CA SER A 96 -7.89 -25.13 0.77
C SER A 96 -7.94 -23.77 0.09
N PHE A 97 -6.80 -23.06 -0.01
CA PHE A 97 -6.70 -21.68 -0.53
C PHE A 97 -7.29 -20.66 0.50
N ARG A 98 -7.44 -21.06 1.78
CA ARG A 98 -7.93 -20.26 2.88
C ARG A 98 -6.89 -20.35 4.03
N CYS A 99 -7.17 -21.02 5.16
CA CYS A 99 -6.16 -21.18 6.22
C CYS A 99 -5.31 -22.40 5.94
N ASP A 100 -4.25 -22.28 5.15
CA ASP A 100 -3.30 -23.37 5.00
C ASP A 100 -2.16 -23.05 5.93
N ILE A 101 -1.92 -23.91 6.92
CA ILE A 101 -0.86 -23.69 7.88
C ILE A 101 0.42 -24.37 7.40
N VAL A 102 1.55 -24.03 8.02
CA VAL A 102 2.81 -24.71 7.68
C VAL A 102 2.81 -26.12 8.27
N ASP A 103 3.32 -27.09 7.55
CA ASP A 103 3.54 -28.45 8.04
C ASP A 103 5.02 -28.51 8.36
N TYR A 104 5.38 -28.54 9.66
CA TYR A 104 6.77 -28.58 10.13
C TYR A 104 7.34 -29.98 10.33
N SER A 105 6.60 -31.03 9.97
CA SER A 105 7.09 -32.38 10.13
C SER A 105 8.16 -32.73 9.07
N ARG A 106 8.84 -33.82 9.29
CA ARG A 106 9.87 -34.32 8.40
C ARG A 106 9.31 -35.39 7.47
N SER A 107 8.04 -35.24 7.05
CA SER A 107 7.41 -36.13 6.10
C SER A 107 7.90 -35.76 4.71
N PRO A 108 7.94 -36.69 3.74
CA PRO A 108 8.42 -36.31 2.39
C PRO A 108 7.72 -35.11 1.76
N THR A 109 6.38 -35.01 1.86
CA THR A 109 5.65 -33.88 1.25
C THR A 109 5.94 -32.56 1.98
N ALA A 110 6.07 -32.57 3.31
CA ALA A 110 6.33 -31.30 4.04
C ALA A 110 7.75 -30.78 3.77
N LEU A 111 8.74 -31.68 3.65
CA LEU A 111 10.12 -31.30 3.31
C LEU A 111 10.21 -30.79 1.86
N ARG A 112 9.41 -31.38 0.95
CA ARG A 112 9.36 -30.95 -0.44
C ARG A 112 8.84 -29.52 -0.53
N MET A 113 7.84 -29.15 0.30
CA MET A 113 7.34 -27.78 0.30
C MET A 113 8.42 -26.84 0.87
N ALA A 114 9.12 -27.28 1.93
CA ALA A 114 10.16 -26.41 2.53
C ALA A 114 11.31 -26.16 1.53
N ARG A 115 11.75 -27.22 0.81
CA ARG A 115 12.83 -27.15 -0.16
C ARG A 115 12.43 -26.34 -1.40
N THR A 116 11.14 -26.38 -1.79
CA THR A 116 10.66 -25.57 -2.89
C THR A 116 10.68 -24.08 -2.52
N CYS A 117 10.38 -23.74 -1.23
CA CYS A 117 10.48 -22.37 -0.74
C CYS A 117 11.94 -21.91 -0.82
N TRP A 118 12.87 -22.79 -0.37
CA TRP A 118 14.30 -22.52 -0.44
C TRP A 118 14.75 -22.27 -1.88
N LEU A 119 14.20 -23.05 -2.82
CA LEU A 119 14.52 -22.96 -4.25
C LEU A 119 14.03 -21.62 -4.81
N TYR A 120 12.81 -21.20 -4.42
CA TYR A 120 12.22 -19.93 -4.80
C TYR A 120 13.09 -18.77 -4.30
N TYR A 121 13.50 -18.86 -3.05
CA TYR A 121 14.39 -17.90 -2.40
C TYR A 121 15.73 -17.80 -3.18
N PHE A 122 16.34 -18.95 -3.48
CA PHE A 122 17.59 -19.02 -4.20
C PHE A 122 17.46 -18.44 -5.63
N SER A 123 16.31 -18.69 -6.28
CA SER A 123 16.06 -18.17 -7.61
C SER A 123 16.09 -16.62 -7.62
N LYS A 124 15.79 -15.96 -6.48
CA LYS A 124 15.83 -14.51 -6.37
C LYS A 124 17.27 -13.99 -6.52
N PHE A 125 18.28 -14.78 -6.07
CA PHE A 125 19.69 -14.42 -6.20
C PHE A 125 20.14 -14.63 -7.65
N ILE A 126 19.65 -15.69 -8.32
CA ILE A 126 19.96 -15.90 -9.74
C ILE A 126 19.38 -14.74 -10.57
N GLU A 127 18.19 -14.25 -10.21
CA GLU A 127 17.52 -13.17 -10.93
C GLU A 127 18.20 -11.80 -10.75
N LEU A 128 19.21 -11.71 -9.85
CA LEU A 128 20.04 -10.52 -9.74
C LEU A 128 20.81 -10.31 -11.07
N LEU A 129 21.06 -11.39 -11.83
CA LEU A 129 21.71 -11.35 -13.13
C LEU A 129 20.97 -10.40 -14.09
N ASP A 130 19.62 -10.21 -13.93
CA ASP A 130 18.85 -9.24 -14.74
C ASP A 130 19.49 -7.86 -14.70
N THR A 131 19.82 -7.40 -13.49
CA THR A 131 20.39 -6.07 -13.27
C THR A 131 21.85 -6.03 -13.70
N ILE A 132 22.58 -7.14 -13.58
CA ILE A 132 23.96 -7.22 -14.06
C ILE A 132 23.96 -7.06 -15.59
N PHE A 133 22.99 -7.70 -16.28
CA PHE A 133 22.87 -7.55 -17.74
C PHE A 133 22.58 -6.07 -18.08
N PHE A 134 21.69 -5.38 -17.32
CA PHE A 134 21.40 -3.96 -17.55
C PHE A 134 22.66 -3.12 -17.46
N VAL A 135 23.49 -3.36 -16.44
CA VAL A 135 24.71 -2.60 -16.22
C VAL A 135 25.73 -2.86 -17.33
N LEU A 136 26.03 -4.13 -17.62
CA LEU A 136 27.00 -4.49 -18.65
C LEU A 136 26.57 -4.04 -20.04
N ARG A 137 25.26 -4.04 -20.31
CA ARG A 137 24.77 -3.58 -21.62
C ARG A 137 24.59 -2.05 -21.68
N LYS A 138 24.85 -1.34 -20.57
CA LYS A 138 24.74 0.09 -20.41
C LYS A 138 23.29 0.57 -20.58
N LYS A 139 22.34 -0.24 -20.13
CA LYS A 139 20.93 0.06 -20.15
C LYS A 139 20.57 0.63 -18.80
N ASN A 140 21.16 1.78 -18.48
CA ASN A 140 20.94 2.45 -17.21
C ASN A 140 19.47 2.86 -17.01
N SER A 141 18.69 3.01 -18.09
CA SER A 141 17.26 3.36 -17.97
C SER A 141 16.44 2.20 -17.41
N GLN A 142 16.96 0.96 -17.44
CA GLN A 142 16.28 -0.20 -16.88
C GLN A 142 16.63 -0.42 -15.37
N VAL A 143 17.69 0.26 -14.86
CA VAL A 143 18.05 0.16 -13.44
C VAL A 143 17.26 1.23 -12.70
N THR A 144 15.97 0.96 -12.50
CA THR A 144 15.07 1.89 -11.84
C THR A 144 14.91 1.53 -10.37
N PHE A 145 14.24 2.39 -9.57
CA PHE A 145 13.95 2.14 -8.17
C PHE A 145 13.10 0.89 -8.07
N LEU A 146 12.05 0.78 -8.91
CA LEU A 146 11.15 -0.37 -8.96
C LEU A 146 11.96 -1.69 -9.09
N HIS A 147 12.89 -1.73 -10.08
CA HIS A 147 13.66 -2.96 -10.32
C HIS A 147 14.59 -3.33 -9.15
N VAL A 148 15.45 -2.40 -8.71
CA VAL A 148 16.46 -2.66 -7.69
C VAL A 148 15.80 -2.91 -6.33
N PHE A 149 14.76 -2.15 -5.98
CA PHE A 149 14.01 -2.37 -4.76
C PHE A 149 13.38 -3.78 -4.72
N HIS A 150 12.68 -4.17 -5.80
CA HIS A 150 12.04 -5.47 -5.88
C HIS A 150 13.08 -6.59 -5.79
N HIS A 151 14.16 -6.51 -6.60
CA HIS A 151 15.21 -7.53 -6.64
C HIS A 151 16.04 -7.56 -5.36
N THR A 152 15.98 -6.54 -4.49
CA THR A 152 16.72 -6.56 -3.23
C THR A 152 15.84 -7.10 -2.10
N ILE A 153 14.63 -6.55 -1.94
CA ILE A 153 13.72 -6.88 -0.85
C ILE A 153 13.04 -8.26 -1.03
N MET A 154 12.89 -8.78 -2.26
CA MET A 154 12.27 -10.09 -2.43
C MET A 154 13.18 -11.20 -1.83
N PRO A 155 14.46 -11.37 -2.26
CA PRO A 155 15.30 -12.39 -1.60
C PRO A 155 15.55 -12.06 -0.14
N TRP A 156 15.80 -10.77 0.20
CA TRP A 156 16.11 -10.42 1.60
C TRP A 156 15.03 -10.87 2.58
N THR A 157 13.77 -10.62 2.21
CA THR A 157 12.64 -10.95 3.07
C THR A 157 12.30 -12.43 3.02
N TRP A 158 12.45 -13.06 1.85
CA TRP A 158 12.17 -14.49 1.70
C TRP A 158 13.10 -15.37 2.53
N TRP A 159 14.23 -14.84 3.02
CA TRP A 159 15.10 -15.60 3.93
C TRP A 159 14.31 -15.94 5.21
N PHE A 160 13.53 -14.96 5.72
CA PHE A 160 12.73 -15.14 6.94
C PHE A 160 11.58 -16.12 6.68
N GLY A 161 11.00 -16.13 5.48
CA GLY A 161 9.95 -17.09 5.13
C GLY A 161 10.48 -18.53 5.08
N VAL A 162 11.66 -18.76 4.49
CA VAL A 162 12.23 -20.10 4.47
C VAL A 162 12.68 -20.50 5.89
N LYS A 163 13.24 -19.54 6.65
CA LYS A 163 13.76 -19.78 7.99
C LYS A 163 12.68 -20.10 9.02
N PHE A 164 11.50 -19.48 8.90
CA PHE A 164 10.44 -19.64 9.90
C PHE A 164 9.15 -20.30 9.41
N ALA A 165 8.72 -20.07 8.18
CA ALA A 165 7.40 -20.55 7.72
C ALA A 165 7.44 -21.00 6.25
N ALA A 166 8.25 -22.03 5.94
CA ALA A 166 8.39 -22.52 4.57
C ALA A 166 7.22 -23.42 4.17
N GLY A 167 6.04 -22.83 4.01
CA GLY A 167 4.84 -23.58 3.64
C GLY A 167 3.57 -22.82 3.98
N GLY A 168 2.43 -23.43 3.69
CA GLY A 168 1.14 -22.81 4.00
C GLY A 168 0.74 -21.64 3.13
N LEU A 169 -0.17 -20.81 3.66
CA LEU A 169 -0.76 -19.68 2.95
C LEU A 169 0.26 -18.60 2.53
N GLY A 170 1.41 -18.56 3.19
CA GLY A 170 2.45 -17.59 2.85
C GLY A 170 3.12 -17.85 1.52
N THR A 171 2.96 -19.06 0.96
CA THR A 171 3.60 -19.42 -0.29
C THR A 171 2.68 -19.23 -1.50
N PHE A 172 1.42 -18.74 -1.33
CA PHE A 172 0.52 -18.59 -2.46
C PHE A 172 1.07 -17.62 -3.49
N HIS A 173 1.63 -16.50 -3.03
CA HIS A 173 2.18 -15.50 -3.94
C HIS A 173 3.35 -16.08 -4.72
N ALA A 174 4.10 -17.08 -4.17
CA ALA A 174 5.23 -17.68 -4.88
C ALA A 174 4.74 -18.60 -5.98
N LEU A 175 3.66 -19.36 -5.72
CA LEU A 175 3.00 -20.21 -6.71
C LEU A 175 2.54 -19.35 -7.91
N LEU A 176 1.90 -18.21 -7.61
CA LEU A 176 1.40 -17.32 -8.64
C LEU A 176 2.55 -16.63 -9.38
N ASN A 177 3.56 -16.17 -8.64
CA ASN A 177 4.71 -15.48 -9.21
C ASN A 177 5.54 -16.34 -10.14
N THR A 178 5.76 -17.64 -9.79
CA THR A 178 6.51 -18.51 -10.68
C THR A 178 5.70 -18.71 -11.99
N ALA A 179 4.36 -18.80 -11.93
CA ALA A 179 3.55 -18.95 -13.13
C ALA A 179 3.61 -17.67 -14.02
N VAL A 180 3.61 -16.48 -13.40
CA VAL A 180 3.69 -15.23 -14.18
C VAL A 180 5.13 -15.04 -14.76
N HIS A 181 6.17 -15.40 -13.97
CA HIS A 181 7.57 -15.26 -14.42
C HIS A 181 7.83 -16.19 -15.68
N VAL A 182 6.97 -17.22 -15.91
CA VAL A 182 7.07 -18.02 -17.13
C VAL A 182 6.72 -17.14 -18.36
N VAL A 183 5.74 -16.27 -18.22
CA VAL A 183 5.31 -15.35 -19.29
C VAL A 183 6.30 -14.18 -19.37
N MET A 184 6.70 -13.64 -18.23
CA MET A 184 7.60 -12.49 -18.18
C MET A 184 8.96 -12.80 -18.80
N TYR A 185 9.63 -13.88 -18.41
CA TYR A 185 10.94 -14.21 -18.99
C TYR A 185 10.83 -14.78 -20.39
N SER A 186 9.64 -15.24 -20.84
CA SER A 186 9.48 -15.60 -22.24
C SER A 186 9.45 -14.28 -23.06
N TYR A 187 8.81 -13.21 -22.51
CA TYR A 187 8.84 -11.89 -23.15
C TYR A 187 10.28 -11.38 -23.23
N TYR A 188 11.03 -11.44 -22.10
CA TYR A 188 12.44 -11.01 -22.02
C TYR A 188 13.31 -11.84 -22.99
N GLY A 189 13.04 -13.13 -23.11
CA GLY A 189 13.77 -14.03 -24.01
C GLY A 189 13.55 -13.69 -25.46
N LEU A 190 12.29 -13.38 -25.81
CA LEU A 190 11.94 -13.01 -27.17
C LEU A 190 12.51 -11.65 -27.54
N SER A 191 12.55 -10.71 -26.57
CA SER A 191 13.10 -9.38 -26.79
CA SER A 191 13.11 -9.38 -26.74
C SER A 191 14.62 -9.40 -26.93
N ALA A 192 15.30 -10.36 -26.29
CA ALA A 192 16.76 -10.49 -26.38
C ALA A 192 17.22 -10.92 -27.78
N LEU A 193 16.32 -11.49 -28.61
CA LEU A 193 16.63 -11.92 -29.98
C LEU A 193 17.04 -10.74 -30.88
N GLY A 194 16.63 -9.51 -30.55
CA GLY A 194 17.02 -8.34 -31.32
C GLY A 194 15.91 -7.37 -31.64
N PRO A 195 16.25 -6.19 -32.20
CA PRO A 195 15.21 -5.20 -32.57
C PRO A 195 14.22 -5.71 -33.62
N ALA A 196 14.67 -6.63 -34.50
CA ALA A 196 13.86 -7.25 -35.54
C ALA A 196 12.74 -8.11 -34.96
N TYR A 197 13.01 -8.80 -33.84
CA TYR A 197 12.01 -9.66 -33.21
C TYR A 197 11.12 -8.90 -32.22
N GLN A 198 11.60 -7.76 -31.70
CA GLN A 198 10.86 -6.95 -30.74
C GLN A 198 9.57 -6.35 -31.35
N LYS A 199 9.51 -6.19 -32.68
CA LYS A 199 8.33 -5.64 -33.36
C LYS A 199 7.09 -6.57 -33.26
N TYR A 200 7.30 -7.86 -32.98
CA TYR A 200 6.22 -8.82 -32.85
C TYR A 200 5.71 -8.95 -31.39
N LEU A 201 6.33 -8.22 -30.44
CA LEU A 201 5.96 -8.26 -29.03
C LEU A 201 4.97 -7.14 -28.75
N TRP A 202 3.90 -7.08 -29.54
CA TRP A 202 2.85 -6.05 -29.40
C TRP A 202 2.08 -6.19 -28.08
N TRP A 203 2.11 -7.37 -27.44
CA TRP A 203 1.36 -7.67 -26.22
C TRP A 203 2.09 -7.29 -24.94
N LYS A 204 3.12 -6.46 -25.00
CA LYS A 204 3.90 -6.03 -23.82
C LYS A 204 2.99 -5.54 -22.68
N LYS A 205 1.98 -4.71 -22.97
CA LYS A 205 1.04 -4.15 -22.01
C LYS A 205 0.18 -5.20 -21.36
N TYR A 206 -0.13 -6.31 -22.07
CA TYR A 206 -0.89 -7.43 -21.52
C TYR A 206 -0.07 -8.19 -20.46
N LEU A 207 1.27 -8.19 -20.59
CA LEU A 207 2.14 -8.79 -19.60
C LEU A 207 2.15 -7.90 -18.36
N THR A 208 2.26 -6.56 -18.53
CA THR A 208 2.24 -5.66 -17.38
C THR A 208 0.87 -5.79 -16.66
N SER A 209 -0.26 -5.94 -17.41
CA SER A 209 -1.59 -6.13 -16.82
C SER A 209 -1.63 -7.40 -15.99
N LEU A 210 -0.98 -8.47 -16.49
CA LEU A 210 -0.93 -9.75 -15.81
C LEU A 210 -0.19 -9.59 -14.47
N GLN A 211 0.92 -8.83 -14.46
CA GLN A 211 1.69 -8.55 -13.25
C GLN A 211 0.85 -7.74 -12.26
N LEU A 212 0.10 -6.75 -12.72
CA LEU A 212 -0.78 -5.97 -11.84
C LEU A 212 -1.89 -6.84 -11.24
N VAL A 213 -2.55 -7.68 -12.07
CA VAL A 213 -3.62 -8.57 -11.64
C VAL A 213 -3.06 -9.59 -10.61
N GLN A 214 -1.79 -10.02 -10.79
CA GLN A 214 -1.09 -10.91 -9.84
C GLN A 214 -1.04 -10.25 -8.43
N PHE A 215 -0.63 -8.96 -8.30
CA PHE A 215 -0.56 -8.30 -7.00
C PHE A 215 -1.97 -8.16 -6.38
N VAL A 216 -2.98 -7.88 -7.21
CA VAL A 216 -4.35 -7.81 -6.72
C VAL A 216 -4.80 -9.18 -6.15
N ILE A 217 -4.59 -10.28 -6.88
CA ILE A 217 -4.99 -11.60 -6.42
C ILE A 217 -4.23 -12.00 -5.13
N VAL A 218 -2.93 -11.65 -5.03
CA VAL A 218 -2.11 -11.91 -3.85
C VAL A 218 -2.68 -11.17 -2.64
N ALA A 219 -3.09 -9.89 -2.82
CA ALA A 219 -3.67 -9.10 -1.76
C ALA A 219 -5.02 -9.67 -1.35
N ILE A 220 -5.87 -10.07 -2.32
CA ILE A 220 -7.20 -10.61 -1.99
C ILE A 220 -7.04 -11.93 -1.22
N HIS A 221 -6.10 -12.80 -1.64
CA HIS A 221 -5.86 -14.06 -0.96
C HIS A 221 -5.36 -13.83 0.48
N ILE A 222 -4.29 -13.03 0.67
CA ILE A 222 -3.73 -12.81 2.00
C ILE A 222 -4.68 -12.03 2.90
N SER A 223 -5.61 -11.21 2.33
CA SER A 223 -6.57 -10.45 3.15
C SER A 223 -7.50 -11.39 3.95
N GLN A 224 -7.71 -12.66 3.48
CA GLN A 224 -8.54 -13.63 4.19
C GLN A 224 -8.04 -13.87 5.60
N PHE A 225 -6.71 -13.84 5.81
CA PHE A 225 -6.07 -14.05 7.09
C PHE A 225 -6.66 -13.16 8.20
N PHE A 226 -6.87 -11.87 7.89
CA PHE A 226 -7.39 -10.92 8.88
C PHE A 226 -8.81 -11.26 9.34
N PHE A 227 -9.59 -12.02 8.54
CA PHE A 227 -10.99 -12.33 8.86
C PHE A 227 -11.21 -13.75 9.36
N MET A 228 -10.26 -14.66 9.15
CA MET A 228 -10.46 -16.06 9.54
C MET A 228 -10.29 -16.31 11.03
N GLU A 229 -11.40 -16.61 11.71
CA GLU A 229 -11.36 -16.99 13.12
C GLU A 229 -10.76 -18.38 13.24
N ASP A 230 -10.04 -18.64 14.34
CA ASP A 230 -9.41 -19.92 14.62
C ASP A 230 -8.44 -20.40 13.53
N CYS A 231 -7.88 -19.46 12.74
CA CYS A 231 -6.86 -19.84 11.75
C CYS A 231 -5.56 -19.99 12.54
N LYS A 232 -4.94 -21.16 12.44
CA LYS A 232 -3.76 -21.45 13.23
C LYS A 232 -2.46 -21.29 12.44
N TYR A 233 -2.45 -20.43 11.42
CA TYR A 233 -1.24 -20.09 10.66
C TYR A 233 -0.24 -19.48 11.67
N GLN A 234 0.92 -20.07 11.75
CA GLN A 234 1.85 -19.88 12.86
C GLN A 234 2.62 -18.57 12.89
N PHE A 235 2.66 -17.82 11.79
CA PHE A 235 3.40 -16.56 11.76
C PHE A 235 2.57 -15.43 11.14
N PRO A 236 1.58 -14.90 11.90
CA PRO A 236 0.74 -13.80 11.38
C PRO A 236 1.47 -12.61 10.78
N VAL A 237 2.70 -12.30 11.22
CA VAL A 237 3.46 -11.16 10.70
C VAL A 237 3.67 -11.26 9.18
N PHE A 238 3.72 -12.50 8.61
CA PHE A 238 3.90 -12.67 7.17
C PHE A 238 2.66 -12.26 6.40
N ALA A 239 1.45 -12.33 6.99
CA ALA A 239 0.24 -11.83 6.32
C ALA A 239 0.37 -10.31 6.09
N CYS A 240 0.93 -9.59 7.08
CA CYS A 240 1.12 -8.14 6.95
C CYS A 240 2.19 -7.80 5.96
N ILE A 241 3.27 -8.58 5.93
CA ILE A 241 4.36 -8.33 5.01
C ILE A 241 3.88 -8.58 3.58
N ILE A 242 3.27 -9.73 3.32
CA ILE A 242 2.75 -10.07 2.00
C ILE A 242 1.74 -8.99 1.49
N MET A 243 0.79 -8.58 2.34
CA MET A 243 -0.24 -7.58 2.03
C MET A 243 0.41 -6.24 1.69
N SER A 244 1.35 -5.75 2.54
CA SER A 244 2.04 -4.49 2.30
CA SER A 244 2.06 -4.49 2.32
C SER A 244 2.93 -4.53 1.07
N TYR A 245 3.66 -5.63 0.83
CA TYR A 245 4.55 -5.71 -0.34
C TYR A 245 3.73 -5.73 -1.62
N SER A 246 2.60 -6.44 -1.66
CA SER A 246 1.76 -6.48 -2.85
C SER A 246 1.19 -5.08 -3.14
N PHE A 247 0.88 -4.28 -2.09
CA PHE A 247 0.45 -2.88 -2.25
C PHE A 247 1.61 -2.03 -2.76
N MET A 248 2.83 -2.20 -2.20
CA MET A 248 4.00 -1.44 -2.66
C MET A 248 4.30 -1.70 -4.14
N PHE A 249 4.24 -2.97 -4.58
CA PHE A 249 4.51 -3.31 -5.96
C PHE A 249 3.39 -2.87 -6.87
N LEU A 250 2.13 -2.93 -6.40
CA LEU A 250 1.00 -2.49 -7.20
C LEU A 250 1.12 -0.99 -7.51
N LEU A 251 1.62 -0.20 -6.55
CA LEU A 251 1.83 1.24 -6.71
C LEU A 251 3.04 1.51 -7.64
N LEU A 252 4.13 0.78 -7.45
CA LEU A 252 5.31 0.91 -8.30
C LEU A 252 4.99 0.50 -9.74
N PHE A 253 4.24 -0.59 -9.94
CA PHE A 253 3.87 -1.03 -11.30
C PHE A 253 2.82 -0.10 -11.93
N LEU A 254 1.95 0.53 -11.14
CA LEU A 254 1.01 1.52 -11.69
C LEU A 254 1.80 2.75 -12.12
N HIS A 255 2.83 3.17 -11.36
CA HIS A 255 3.69 4.28 -11.77
C HIS A 255 4.43 3.88 -13.07
N PHE A 256 4.90 2.62 -13.16
CA PHE A 256 5.55 2.13 -14.37
C PHE A 256 4.60 2.20 -15.54
N TRP A 257 3.35 1.68 -15.40
CA TRP A 257 2.35 1.73 -16.47
C TRP A 257 2.14 3.17 -16.95
N TYR A 258 2.04 4.09 -15.99
CA TYR A 258 1.83 5.50 -16.27
C TYR A 258 2.94 6.09 -17.12
N ARG A 259 4.24 5.88 -16.77
CA ARG A 259 5.27 6.53 -17.58
C ARG A 259 5.63 5.75 -18.82
N ALA A 260 5.56 4.43 -18.78
CA ALA A 260 5.89 3.61 -19.95
C ALA A 260 4.80 3.61 -21.03
N TYR A 261 3.51 3.65 -20.66
CA TYR A 261 2.44 3.53 -21.65
C TYR A 261 1.60 4.78 -21.75
N THR A 262 1.06 5.29 -20.63
CA THR A 262 0.22 6.48 -20.65
C THR A 262 1.03 7.69 -21.16
N LYS A 263 2.30 7.80 -20.75
CA LYS A 263 3.17 8.89 -21.21
CA LYS A 263 3.17 8.89 -21.21
C LYS A 263 4.09 8.46 -22.38
N GLY A 264 4.01 7.19 -22.78
CA GLY A 264 4.74 6.60 -23.90
C GLY A 264 6.25 6.54 -23.83
N GLN A 265 6.83 6.37 -22.63
CA GLN A 265 8.28 6.32 -22.52
C GLN A 265 8.86 4.97 -22.91
N ARG A 266 8.11 3.88 -22.73
CA ARG A 266 8.61 2.55 -23.06
C ARG A 266 7.51 1.70 -23.74
N LEU A 267 6.90 2.23 -24.79
CA LEU A 267 5.85 1.56 -25.56
C LEU A 267 6.41 0.34 -26.26
N PRO A 268 5.57 -0.68 -26.57
CA PRO A 268 6.08 -1.81 -27.36
C PRO A 268 6.52 -1.35 -28.75
N LYS A 269 7.51 -2.02 -29.30
CA LYS A 269 8.07 -1.65 -30.59
C LYS A 269 7.29 -2.31 -31.73
N TYR B 14 11.80 26.89 -1.55
CA TYR B 14 10.40 27.00 -1.12
C TYR B 14 9.67 28.04 -1.96
N ASP B 15 10.32 29.20 -2.20
CA ASP B 15 9.75 30.31 -2.95
C ASP B 15 9.44 29.94 -4.42
N ASN B 16 10.24 29.05 -5.03
CA ASN B 16 10.00 28.64 -6.41
C ASN B 16 8.84 27.65 -6.47
N TRP B 17 8.79 26.71 -5.53
CA TRP B 17 7.75 25.69 -5.42
C TRP B 17 6.38 26.32 -5.06
N ILE B 18 6.38 27.39 -4.26
CA ILE B 18 5.13 28.06 -3.89
C ILE B 18 4.59 28.97 -5.03
N LYS B 19 5.33 29.13 -6.14
CA LYS B 19 4.84 29.92 -7.28
C LYS B 19 3.71 29.15 -8.03
N ASP B 20 3.54 27.84 -7.79
CA ASP B 20 2.49 27.02 -8.39
C ASP B 20 1.22 26.93 -7.52
N ALA B 21 1.19 27.63 -6.39
CA ALA B 21 0.05 27.60 -5.48
C ALA B 21 -1.13 28.34 -6.08
N ASP B 22 -2.31 27.90 -5.70
CA ASP B 22 -3.57 28.48 -6.13
C ASP B 22 -3.78 29.82 -5.42
N PRO B 23 -3.77 30.96 -6.15
CA PRO B 23 -3.95 32.26 -5.48
C PRO B 23 -5.34 32.47 -4.87
N ARG B 24 -6.35 31.66 -5.22
CA ARG B 24 -7.71 31.85 -4.68
C ARG B 24 -7.78 31.62 -3.17
N VAL B 25 -6.91 30.74 -2.65
CA VAL B 25 -6.93 30.35 -1.23
C VAL B 25 -5.92 31.11 -0.37
N GLU B 26 -5.12 32.03 -0.95
CA GLU B 26 -4.07 32.78 -0.25
C GLU B 26 -4.45 33.30 1.15
N ASP B 27 -5.56 34.05 1.26
CA ASP B 27 -6.01 34.68 2.51
C ASP B 27 -6.75 33.74 3.47
N TRP B 28 -7.03 32.52 3.07
CA TRP B 28 -7.82 31.61 3.88
C TRP B 28 -7.04 31.07 5.10
N LEU B 29 -7.76 30.89 6.22
CA LEU B 29 -7.23 30.41 7.50
C LEU B 29 -6.34 29.17 7.33
N LEU B 30 -5.09 29.27 7.86
CA LEU B 30 -4.03 28.25 7.84
C LEU B 30 -3.37 28.07 6.47
N MET B 31 -3.70 28.92 5.44
CA MET B 31 -3.15 28.67 4.11
C MET B 31 -1.95 29.50 3.71
N SER B 32 -1.43 30.32 4.60
CA SER B 32 -0.27 31.16 4.32
C SER B 32 1.00 30.32 4.10
N SER B 33 1.20 29.29 4.92
CA SER B 33 2.36 28.39 4.80
C SER B 33 2.08 27.07 5.54
N PRO B 34 2.85 25.98 5.28
CA PRO B 34 2.58 24.73 6.02
C PRO B 34 3.09 24.76 7.47
N LEU B 35 3.79 25.84 7.89
CA LEU B 35 4.39 25.97 9.22
C LEU B 35 3.34 26.06 10.37
N PRO B 36 2.30 26.94 10.36
CA PRO B 36 1.35 26.95 11.48
C PRO B 36 0.69 25.60 11.77
N GLN B 37 0.31 24.83 10.74
CA GLN B 37 -0.32 23.52 10.96
C GLN B 37 0.68 22.47 11.46
N THR B 38 1.97 22.61 11.10
CA THR B 38 2.99 21.68 11.55
C THR B 38 3.23 21.89 13.06
N ILE B 39 3.20 23.13 13.54
CA ILE B 39 3.32 23.44 14.95
C ILE B 39 2.10 22.87 15.71
N LEU B 40 0.85 23.15 15.20
CA LEU B 40 -0.39 22.64 15.80
C LEU B 40 -0.40 21.09 15.88
N LEU B 41 -0.07 20.41 14.78
CA LEU B 41 -0.07 18.95 14.76
C LEU B 41 1.09 18.36 15.58
N GLY B 42 2.20 19.08 15.69
CA GLY B 42 3.32 18.65 16.52
C GLY B 42 2.91 18.69 17.98
N PHE B 43 2.17 19.74 18.38
CA PHE B 43 1.65 19.87 19.74
C PHE B 43 0.58 18.80 19.99
N TYR B 44 -0.30 18.53 19.00
CA TYR B 44 -1.31 17.48 19.13
C TYR B 44 -0.64 16.09 19.35
N VAL B 45 0.35 15.71 18.51
CA VAL B 45 1.01 14.41 18.64
C VAL B 45 1.71 14.33 20.00
N TYR B 46 2.39 15.42 20.40
CA TYR B 46 3.07 15.48 21.69
C TYR B 46 2.07 15.31 22.84
N PHE B 47 0.93 16.02 22.76
CA PHE B 47 -0.09 15.94 23.80
C PHE B 47 -0.72 14.52 23.91
N VAL B 48 -1.27 13.96 22.83
CA VAL B 48 -2.00 12.70 22.92
C VAL B 48 -1.12 11.47 23.17
N THR B 49 0.18 11.52 22.86
CA THR B 49 1.05 10.37 23.06
C THR B 49 1.94 10.51 24.29
N SER B 50 2.21 11.75 24.74
CA SER B 50 3.12 11.94 25.85
C SER B 50 2.56 12.83 27.01
N LEU B 51 2.34 14.15 26.80
CA LEU B 51 1.92 15.08 27.85
C LEU B 51 0.56 14.75 28.50
N GLY B 52 -0.48 14.62 27.69
CA GLY B 52 -1.83 14.29 28.15
C GLY B 52 -1.92 13.08 29.06
N PRO B 53 -1.50 11.89 28.58
CA PRO B 53 -1.54 10.69 29.43
C PRO B 53 -0.70 10.82 30.70
N LYS B 54 0.37 11.63 30.69
CA LYS B 54 1.19 11.83 31.87
C LYS B 54 0.42 12.65 32.90
N LEU B 55 -0.29 13.69 32.45
CA LEU B 55 -1.10 14.54 33.31
C LEU B 55 -2.33 13.79 33.83
N MET B 56 -2.87 12.84 33.06
CA MET B 56 -4.04 12.08 33.48
C MET B 56 -3.70 10.86 34.36
N GLU B 57 -2.41 10.44 34.39
CA GLU B 57 -1.93 9.27 35.14
C GLU B 57 -2.37 9.28 36.61
N ASN B 58 -2.23 10.43 37.31
CA ASN B 58 -2.63 10.50 38.72
C ASN B 58 -3.92 11.31 38.89
N ARG B 59 -4.84 11.17 37.93
CA ARG B 59 -6.14 11.86 37.95
C ARG B 59 -7.29 10.91 37.61
N LYS B 60 -8.51 11.25 38.02
CA LYS B 60 -9.70 10.47 37.65
C LYS B 60 -10.15 10.90 36.24
N PRO B 61 -10.78 10.01 35.46
CA PRO B 61 -11.21 10.39 34.11
C PRO B 61 -12.26 11.49 34.11
N PHE B 62 -12.24 12.34 33.07
CA PHE B 62 -13.23 13.41 32.95
C PHE B 62 -14.56 12.84 32.46
N GLU B 63 -15.66 13.39 32.96
CA GLU B 63 -16.99 13.00 32.54
C GLU B 63 -17.37 13.93 31.42
N LEU B 64 -17.26 13.47 30.18
CA LEU B 64 -17.51 14.29 29.02
C LEU B 64 -18.62 13.72 28.14
N LYS B 65 -19.59 13.02 28.73
CA LYS B 65 -20.70 12.43 27.98
C LYS B 65 -21.47 13.48 27.14
N LYS B 66 -21.90 14.58 27.75
CA LYS B 66 -22.65 15.62 27.03
C LYS B 66 -21.78 16.31 25.98
N ALA B 67 -20.49 16.50 26.27
CA ALA B 67 -19.55 17.14 25.35
C ALA B 67 -19.34 16.26 24.12
N MET B 68 -19.27 14.93 24.32
CA MET B 68 -19.10 13.92 23.27
C MET B 68 -20.35 13.85 22.40
N ILE B 69 -21.55 13.81 23.02
CA ILE B 69 -22.81 13.74 22.28
C ILE B 69 -22.99 14.99 21.41
N THR B 70 -22.75 16.20 21.97
CA THR B 70 -22.86 17.45 21.23
C THR B 70 -21.85 17.47 20.07
N TYR B 71 -20.59 17.13 20.34
CA TYR B 71 -19.54 17.08 19.35
C TYR B 71 -19.88 16.09 18.21
N ASN B 72 -20.31 14.85 18.55
CA ASN B 72 -20.60 13.85 17.53
C ASN B 72 -21.77 14.30 16.65
N PHE B 73 -22.78 14.91 17.24
CA PHE B 73 -23.96 15.44 16.55
C PHE B 73 -23.54 16.56 15.60
N PHE B 74 -22.65 17.46 16.08
CA PHE B 74 -22.14 18.53 15.25
C PHE B 74 -21.33 17.96 14.06
N ILE B 75 -20.46 16.95 14.30
CA ILE B 75 -19.66 16.40 13.21
C ILE B 75 -20.56 15.70 12.18
N VAL B 76 -21.64 15.03 12.63
CA VAL B 76 -22.55 14.35 11.70
C VAL B 76 -23.20 15.39 10.77
N LEU B 77 -23.72 16.49 11.32
CA LEU B 77 -24.37 17.54 10.55
C LEU B 77 -23.38 18.28 9.65
N PHE B 78 -22.17 18.53 10.16
CA PHE B 78 -21.12 19.17 9.39
C PHE B 78 -20.68 18.26 8.22
N SER B 79 -20.65 16.91 8.42
CA SER B 79 -20.29 15.96 7.38
C SER B 79 -21.37 15.89 6.31
N VAL B 80 -22.66 15.93 6.72
CA VAL B 80 -23.81 15.96 5.78
C VAL B 80 -23.70 17.23 4.91
N TYR B 81 -23.37 18.37 5.55
CA TYR B 81 -23.19 19.64 4.87
C TYR B 81 -22.01 19.60 3.87
N MET B 82 -20.84 19.08 4.28
CA MET B 82 -19.69 18.99 3.39
C MET B 82 -19.93 18.03 2.26
N CYS B 83 -20.66 16.92 2.51
CA CYS B 83 -21.01 15.97 1.46
C CYS B 83 -21.89 16.65 0.42
N TYR B 84 -22.93 17.37 0.88
CA TYR B 84 -23.84 18.12 0.01
C TYR B 84 -23.06 19.15 -0.80
N GLU B 85 -22.09 19.84 -0.18
CA GLU B 85 -21.31 20.86 -0.87
C GLU B 85 -20.39 20.21 -1.91
N PHE B 86 -19.83 19.03 -1.63
CA PHE B 86 -19.01 18.31 -2.61
C PHE B 86 -19.87 17.87 -3.80
N VAL B 87 -21.12 17.44 -3.53
CA VAL B 87 -22.07 17.06 -4.58
C VAL B 87 -22.45 18.30 -5.44
N MET B 88 -22.73 19.44 -4.81
CA MET B 88 -23.14 20.65 -5.52
C MET B 88 -21.96 21.45 -6.14
N SER B 89 -20.73 21.11 -5.77
CA SER B 89 -19.51 21.74 -6.29
C SER B 89 -18.93 20.98 -7.50
N GLY B 90 -19.51 19.84 -7.89
CA GLY B 90 -19.03 19.11 -9.05
C GLY B 90 -19.48 17.68 -9.17
N TRP B 91 -19.42 16.89 -8.10
CA TRP B 91 -19.70 15.46 -8.19
C TRP B 91 -21.14 15.10 -8.64
N GLY B 92 -22.13 15.90 -8.26
CA GLY B 92 -23.50 15.63 -8.70
C GLY B 92 -23.98 16.53 -9.80
N ILE B 93 -23.11 17.39 -10.35
CA ILE B 93 -23.54 18.38 -11.33
C ILE B 93 -22.70 18.40 -12.61
N GLY B 94 -21.94 17.34 -12.90
CA GLY B 94 -21.18 17.33 -14.15
C GLY B 94 -19.86 16.62 -14.18
N TYR B 95 -19.30 16.32 -13.00
CA TYR B 95 -18.05 15.55 -12.94
C TYR B 95 -18.27 14.18 -13.57
N SER B 96 -17.33 13.73 -14.37
CA SER B 96 -17.43 12.45 -15.08
C SER B 96 -17.08 11.22 -14.22
N PHE B 97 -16.41 11.41 -13.08
CA PHE B 97 -15.91 10.33 -12.21
C PHE B 97 -14.68 9.61 -12.85
N ARG B 98 -14.03 10.28 -13.85
CA ARG B 98 -12.85 9.81 -14.56
C ARG B 98 -11.79 10.94 -14.47
N CYS B 99 -11.44 11.63 -15.57
CA CYS B 99 -10.49 12.74 -15.50
C CYS B 99 -11.20 14.02 -15.16
N ASP B 100 -11.34 14.31 -13.89
CA ASP B 100 -11.90 15.58 -13.44
C ASP B 100 -10.75 16.47 -13.05
N ILE B 101 -10.47 17.49 -13.87
CA ILE B 101 -9.36 18.36 -13.60
C ILE B 101 -9.77 19.43 -12.60
N VAL B 102 -8.78 20.09 -11.97
CA VAL B 102 -9.10 21.19 -11.09
C VAL B 102 -9.54 22.37 -11.96
N ASP B 103 -10.58 23.08 -11.54
CA ASP B 103 -11.03 24.31 -12.22
C ASP B 103 -10.48 25.45 -11.37
N TYR B 104 -9.48 26.18 -11.88
CA TYR B 104 -8.81 27.23 -11.13
C TYR B 104 -9.42 28.61 -11.36
N SER B 105 -10.52 28.72 -12.11
CA SER B 105 -11.16 30.01 -12.37
C SER B 105 -11.90 30.53 -11.10
N ARG B 106 -12.32 31.76 -11.17
CA ARG B 106 -13.06 32.40 -10.11
C ARG B 106 -14.57 32.36 -10.41
N SER B 107 -15.04 31.28 -11.03
CA SER B 107 -16.45 31.05 -11.31
C SER B 107 -17.12 30.60 -10.01
N PRO B 108 -18.43 30.84 -9.83
CA PRO B 108 -19.07 30.41 -8.57
C PRO B 108 -18.89 28.93 -8.23
N THR B 109 -19.03 28.02 -9.18
CA THR B 109 -18.88 26.58 -8.89
C THR B 109 -17.43 26.21 -8.54
N ALA B 110 -16.43 26.80 -9.23
CA ALA B 110 -15.02 26.48 -8.96
C ALA B 110 -14.59 26.97 -7.58
N LEU B 111 -15.05 28.16 -7.17
CA LEU B 111 -14.74 28.69 -5.85
C LEU B 111 -15.45 27.93 -4.73
N ARG B 112 -16.67 27.47 -5.01
CA ARG B 112 -17.43 26.68 -4.07
C ARG B 112 -16.69 25.34 -3.81
N MET B 113 -16.07 24.75 -4.86
CA MET B 113 -15.30 23.53 -4.70
C MET B 113 -14.05 23.82 -3.87
N ALA B 114 -13.36 24.95 -4.15
CA ALA B 114 -12.16 25.30 -3.39
C ALA B 114 -12.52 25.58 -1.91
N ARG B 115 -13.67 26.18 -1.67
CA ARG B 115 -14.20 26.45 -0.33
C ARG B 115 -14.46 25.15 0.42
N THR B 116 -15.13 24.18 -0.23
CA THR B 116 -15.49 22.91 0.37
C THR B 116 -14.22 22.11 0.74
N CYS B 117 -13.16 22.14 -0.13
CA CYS B 117 -11.87 21.50 0.18
C CYS B 117 -11.26 22.11 1.45
N TRP B 118 -11.26 23.44 1.54
CA TRP B 118 -10.74 24.14 2.72
C TRP B 118 -11.54 23.77 3.99
N LEU B 119 -12.86 23.62 3.86
CA LEU B 119 -13.74 23.27 4.97
C LEU B 119 -13.42 21.85 5.44
N TYR B 120 -13.22 20.92 4.47
CA TYR B 120 -12.87 19.53 4.74
C TYR B 120 -11.55 19.47 5.48
N TYR B 121 -10.56 20.23 5.01
CA TYR B 121 -9.24 20.36 5.62
C TYR B 121 -9.37 20.88 7.09
N PHE B 122 -10.15 21.94 7.30
CA PHE B 122 -10.37 22.52 8.62
C PHE B 122 -11.07 21.52 9.54
N SER B 123 -12.02 20.75 9.01
CA SER B 123 -12.74 19.74 9.79
C SER B 123 -11.78 18.69 10.36
N LYS B 124 -10.61 18.46 9.71
CA LYS B 124 -9.60 17.50 10.20
C LYS B 124 -9.00 17.98 11.52
N PHE B 125 -8.88 19.31 11.72
CA PHE B 125 -8.36 19.91 12.95
C PHE B 125 -9.42 19.81 14.05
N ILE B 126 -10.71 19.99 13.71
CA ILE B 126 -11.78 19.81 14.69
C ILE B 126 -11.83 18.34 15.13
N GLU B 127 -11.59 17.40 14.21
CA GLU B 127 -11.60 15.96 14.51
C GLU B 127 -10.44 15.53 15.43
N LEU B 128 -9.45 16.40 15.66
CA LEU B 128 -8.40 16.16 16.64
C LEU B 128 -9.01 16.03 18.06
N LEU B 129 -10.24 16.55 18.28
CA LEU B 129 -10.98 16.45 19.53
C LEU B 129 -11.29 15.00 19.88
N ASP B 130 -11.41 14.08 18.91
CA ASP B 130 -11.62 12.64 19.16
C ASP B 130 -10.54 12.10 20.09
N THR B 131 -9.28 12.42 19.78
CA THR B 131 -8.12 11.94 20.53
C THR B 131 -8.03 12.66 21.87
N ILE B 132 -8.44 13.93 21.94
CA ILE B 132 -8.48 14.67 23.20
C ILE B 132 -9.49 13.99 24.14
N PHE B 133 -10.65 13.55 23.61
CA PHE B 133 -11.68 12.86 24.37
C PHE B 133 -11.11 11.54 24.90
N PHE B 134 -10.32 10.80 24.09
CA PHE B 134 -9.67 9.55 24.52
C PHE B 134 -8.73 9.79 25.69
N VAL B 135 -7.91 10.84 25.62
CA VAL B 135 -6.92 11.15 26.66
C VAL B 135 -7.62 11.57 27.95
N LEU B 136 -8.55 12.54 27.89
CA LEU B 136 -9.26 13.01 29.08
C LEU B 136 -10.11 11.94 29.72
N ARG B 137 -10.68 11.02 28.92
CA ARG B 137 -11.48 9.93 29.49
C ARG B 137 -10.62 8.73 29.95
N LYS B 138 -9.29 8.80 29.73
CA LYS B 138 -8.30 7.78 30.06
C LYS B 138 -8.52 6.50 29.28
N LYS B 139 -9.02 6.60 28.06
CA LYS B 139 -9.21 5.49 27.17
C LYS B 139 -7.95 5.38 26.31
N ASN B 140 -6.80 5.11 26.95
CA ASN B 140 -5.52 5.00 26.28
C ASN B 140 -5.50 3.87 25.26
N SER B 141 -6.39 2.85 25.40
CA SER B 141 -6.46 1.78 24.39
C SER B 141 -7.04 2.30 23.06
N GLN B 142 -7.67 3.50 23.04
CA GLN B 142 -8.21 4.08 21.81
C GLN B 142 -7.16 4.98 21.09
N VAL B 143 -6.05 5.35 21.79
CA VAL B 143 -4.97 6.13 21.20
C VAL B 143 -3.99 5.15 20.56
N THR B 144 -4.36 4.61 19.41
CA THR B 144 -3.54 3.63 18.70
C THR B 144 -2.73 4.34 17.60
N PHE B 145 -1.77 3.62 16.99
CA PHE B 145 -0.97 4.12 15.86
C PHE B 145 -1.91 4.48 14.73
N LEU B 146 -2.87 3.59 14.40
CA LEU B 146 -3.88 3.81 13.35
C LEU B 146 -4.59 5.16 13.54
N HIS B 147 -5.09 5.43 14.76
CA HIS B 147 -5.83 6.66 15.03
C HIS B 147 -4.96 7.91 14.89
N VAL B 148 -3.81 7.96 15.60
CA VAL B 148 -2.97 9.16 15.65
C VAL B 148 -2.33 9.43 14.31
N PHE B 149 -1.88 8.39 13.63
CA PHE B 149 -1.30 8.50 12.29
C PHE B 149 -2.31 9.08 11.30
N HIS B 150 -3.54 8.55 11.28
CA HIS B 150 -4.62 8.99 10.42
C HIS B 150 -4.93 10.48 10.67
N HIS B 151 -5.19 10.80 11.95
CA HIS B 151 -5.56 12.16 12.37
C HIS B 151 -4.43 13.17 12.21
N THR B 152 -3.18 12.73 12.08
CA THR B 152 -2.06 13.65 11.87
C THR B 152 -1.82 13.84 10.35
N ILE B 153 -1.71 12.73 9.61
CA ILE B 153 -1.41 12.70 8.18
C ILE B 153 -2.55 13.30 7.32
N MET B 154 -3.82 13.10 7.69
CA MET B 154 -4.93 13.59 6.87
C MET B 154 -4.92 15.14 6.82
N PRO B 155 -5.00 15.90 7.93
CA PRO B 155 -4.95 17.37 7.80
C PRO B 155 -3.61 17.84 7.25
N TRP B 156 -2.47 17.27 7.72
CA TRP B 156 -1.16 17.75 7.26
C TRP B 156 -1.02 17.73 5.73
N THR B 157 -1.44 16.63 5.11
CA THR B 157 -1.34 16.43 3.67
C THR B 157 -2.41 17.22 2.92
N TRP B 158 -3.63 17.30 3.48
CA TRP B 158 -4.71 18.06 2.84
C TRP B 158 -4.39 19.56 2.71
N TRP B 159 -3.40 20.09 3.45
CA TRP B 159 -2.98 21.49 3.29
C TRP B 159 -2.49 21.70 1.85
N PHE B 160 -1.71 20.73 1.34
CA PHE B 160 -1.14 20.77 -0.01
C PHE B 160 -2.25 20.64 -1.06
N GLY B 161 -3.29 19.84 -0.79
CA GLY B 161 -4.41 19.70 -1.70
C GLY B 161 -5.21 20.99 -1.82
N VAL B 162 -5.49 21.67 -0.69
CA VAL B 162 -6.22 22.95 -0.77
C VAL B 162 -5.31 24.01 -1.42
N LYS B 163 -4.00 24.00 -1.09
CA LYS B 163 -3.05 25.00 -1.56
C LYS B 163 -2.78 24.90 -3.07
N PHE B 164 -2.75 23.67 -3.63
CA PHE B 164 -2.39 23.45 -5.03
C PHE B 164 -3.49 22.88 -5.93
N ALA B 165 -4.36 22.01 -5.44
CA ALA B 165 -5.35 21.36 -6.31
C ALA B 165 -6.69 21.14 -5.60
N ALA B 166 -7.36 22.24 -5.23
CA ALA B 166 -8.63 22.19 -4.52
C ALA B 166 -9.81 21.94 -5.45
N GLY B 167 -9.87 20.74 -5.99
CA GLY B 167 -10.93 20.33 -6.90
C GLY B 167 -10.55 19.13 -7.73
N GLY B 168 -11.44 18.73 -8.62
CA GLY B 168 -11.18 17.60 -9.52
C GLY B 168 -11.19 16.23 -8.87
N LEU B 169 -10.52 15.28 -9.53
CA LEU B 169 -10.49 13.88 -9.15
C LEU B 169 -9.83 13.63 -7.77
N GLY B 170 -9.03 14.57 -7.28
CA GLY B 170 -8.40 14.44 -5.98
C GLY B 170 -9.36 14.57 -4.82
N THR B 171 -10.59 15.13 -5.06
CA THR B 171 -11.57 15.32 -4.00
C THR B 171 -12.59 14.18 -3.91
N PHE B 172 -12.50 13.13 -4.74
CA PHE B 172 -13.46 12.03 -4.68
C PHE B 172 -13.45 11.34 -3.33
N HIS B 173 -12.26 11.10 -2.79
CA HIS B 173 -12.14 10.42 -1.51
C HIS B 173 -12.76 11.29 -0.39
N ALA B 174 -12.78 12.65 -0.53
CA ALA B 174 -13.38 13.52 0.48
C ALA B 174 -14.89 13.44 0.43
N LEU B 175 -15.46 13.36 -0.76
CA LEU B 175 -16.91 13.20 -0.96
C LEU B 175 -17.36 11.88 -0.29
N LEU B 176 -16.61 10.82 -0.51
CA LEU B 176 -16.93 9.51 0.04
C LEU B 176 -16.71 9.49 1.56
N ASN B 177 -15.59 10.06 2.03
CA ASN B 177 -15.25 10.10 3.44
C ASN B 177 -16.26 10.90 4.28
N THR B 178 -16.76 12.06 3.77
CA THR B 178 -17.76 12.82 4.53
C THR B 178 -19.03 11.98 4.64
N ALA B 179 -19.41 11.22 3.60
CA ALA B 179 -20.61 10.38 3.65
C ALA B 179 -20.45 9.24 4.66
N VAL B 180 -19.25 8.63 4.74
CA VAL B 180 -19.02 7.55 5.71
C VAL B 180 -18.92 8.12 7.15
N HIS B 181 -18.31 9.30 7.33
CA HIS B 181 -18.16 9.92 8.65
C HIS B 181 -19.58 10.29 9.22
N VAL B 182 -20.63 10.39 8.37
CA VAL B 182 -22.01 10.58 8.86
C VAL B 182 -22.46 9.30 9.64
N VAL B 183 -22.08 8.12 9.15
CA VAL B 183 -22.39 6.84 9.77
C VAL B 183 -21.47 6.62 10.98
N MET B 184 -20.18 6.90 10.81
CA MET B 184 -19.19 6.68 11.85
C MET B 184 -19.45 7.53 13.09
N TYR B 185 -19.68 8.86 12.95
CA TYR B 185 -19.95 9.69 14.11
C TYR B 185 -21.36 9.51 14.65
N SER B 186 -22.29 8.91 13.88
CA SER B 186 -23.61 8.55 14.43
C SER B 186 -23.38 7.34 15.36
N TYR B 187 -22.48 6.40 14.99
CA TYR B 187 -22.10 5.27 15.85
C TYR B 187 -21.48 5.80 17.14
N TYR B 188 -20.51 6.74 17.02
CA TYR B 188 -19.83 7.32 18.18
C TYR B 188 -20.82 8.08 19.05
N GLY B 189 -21.76 8.78 18.44
CA GLY B 189 -22.78 9.53 19.16
C GLY B 189 -23.68 8.62 19.96
N LEU B 190 -24.09 7.51 19.34
CA LEU B 190 -24.96 6.54 20.00
C LEU B 190 -24.23 5.83 21.13
N SER B 191 -22.93 5.53 20.96
CA SER B 191 -22.18 4.85 22.02
C SER B 191 -21.86 5.77 23.20
N ALA B 192 -21.79 7.09 22.96
CA ALA B 192 -21.55 8.08 24.02
C ALA B 192 -22.74 8.18 25.00
N LEU B 193 -23.95 7.73 24.59
CA LEU B 193 -25.15 7.77 25.43
C LEU B 193 -25.03 6.90 26.68
N GLY B 194 -24.17 5.87 26.66
CA GLY B 194 -23.98 5.04 27.83
C GLY B 194 -23.95 3.56 27.57
N PRO B 195 -23.61 2.75 28.61
CA PRO B 195 -23.57 1.28 28.42
C PRO B 195 -24.93 0.67 28.06
N ALA B 196 -26.03 1.30 28.51
CA ALA B 196 -27.39 0.88 28.23
C ALA B 196 -27.73 0.96 26.75
N TYR B 197 -27.22 2.00 26.06
CA TYR B 197 -27.49 2.20 24.65
C TYR B 197 -26.50 1.45 23.75
N GLN B 198 -25.30 1.12 24.26
CA GLN B 198 -24.27 0.42 23.51
C GLN B 198 -24.68 -1.01 23.12
N LYS B 199 -25.61 -1.63 23.86
CA LYS B 199 -26.07 -2.98 23.56
C LYS B 199 -26.89 -3.05 22.23
N TYR B 200 -27.40 -1.91 21.76
CA TYR B 200 -28.16 -1.88 20.50
C TYR B 200 -27.26 -1.57 19.28
N LEU B 201 -25.94 -1.39 19.48
CA LEU B 201 -24.98 -1.12 18.42
C LEU B 201 -24.36 -2.42 17.93
N TRP B 202 -25.21 -3.41 17.61
CA TRP B 202 -24.77 -4.72 17.12
C TRP B 202 -24.08 -4.63 15.75
N TRP B 203 -24.31 -3.56 14.98
CA TRP B 203 -23.79 -3.38 13.63
C TRP B 203 -22.42 -2.74 13.55
N LYS B 204 -21.66 -2.73 14.67
CA LYS B 204 -20.31 -2.16 14.70
C LYS B 204 -19.40 -2.66 13.53
N LYS B 205 -19.37 -4.00 13.26
CA LYS B 205 -18.59 -4.64 12.20
C LYS B 205 -19.02 -4.21 10.80
N TYR B 206 -20.30 -3.83 10.63
CA TYR B 206 -20.80 -3.32 9.35
C TYR B 206 -20.26 -1.92 9.07
N LEU B 207 -19.98 -1.14 10.14
CA LEU B 207 -19.39 0.18 9.99
C LEU B 207 -17.92 0.00 9.61
N THR B 208 -17.19 -0.92 10.25
CA THR B 208 -15.78 -1.16 9.89
C THR B 208 -15.71 -1.66 8.42
N SER B 209 -16.66 -2.53 8.00
CA SER B 209 -16.72 -3.02 6.62
C SER B 209 -16.92 -1.85 5.64
N LEU B 210 -17.76 -0.89 6.02
CA LEU B 210 -18.05 0.29 5.20
C LEU B 210 -16.77 1.11 5.03
N GLN B 211 -15.98 1.27 6.11
CA GLN B 211 -14.71 1.98 6.08
C GLN B 211 -13.71 1.25 5.16
N LEU B 212 -13.63 -0.08 5.25
CA LEU B 212 -12.74 -0.86 4.39
C LEU B 212 -13.15 -0.71 2.90
N VAL B 213 -14.46 -0.84 2.61
CA VAL B 213 -15.01 -0.75 1.25
C VAL B 213 -14.72 0.68 0.70
N GLN B 214 -14.77 1.71 1.57
CA GLN B 214 -14.44 3.09 1.22
C GLN B 214 -12.98 3.18 0.66
N PHE B 215 -11.98 2.57 1.36
CA PHE B 215 -10.59 2.61 0.89
C PHE B 215 -10.44 1.87 -0.44
N VAL B 216 -11.14 0.75 -0.60
CA VAL B 216 -11.11 -0.01 -1.86
C VAL B 216 -11.66 0.87 -3.02
N ILE B 217 -12.82 1.51 -2.84
CA ILE B 217 -13.42 2.33 -3.88
C ILE B 217 -12.53 3.54 -4.22
N VAL B 218 -11.89 4.14 -3.20
CA VAL B 218 -10.98 5.28 -3.38
C VAL B 218 -9.77 4.85 -4.24
N ALA B 219 -9.22 3.66 -3.94
CA ALA B 219 -8.08 3.12 -4.69
C ALA B 219 -8.49 2.80 -6.13
N ILE B 220 -9.67 2.18 -6.35
CA ILE B 220 -10.13 1.85 -7.69
C ILE B 220 -10.36 3.14 -8.51
N HIS B 221 -10.97 4.18 -7.89
CA HIS B 221 -11.21 5.44 -8.58
C HIS B 221 -9.87 6.11 -8.96
N ILE B 222 -8.95 6.29 -8.00
CA ILE B 222 -7.68 6.98 -8.27
C ILE B 222 -6.80 6.19 -9.23
N SER B 223 -6.93 4.82 -9.28
CA SER B 223 -6.11 4.01 -10.18
C SER B 223 -6.38 4.38 -11.66
N GLN B 224 -7.56 4.93 -11.99
CA GLN B 224 -7.88 5.33 -13.37
C GLN B 224 -6.86 6.32 -13.93
N PHE B 225 -6.34 7.22 -13.05
CA PHE B 225 -5.36 8.23 -13.41
C PHE B 225 -4.15 7.65 -14.17
N PHE B 226 -3.61 6.51 -13.67
CA PHE B 226 -2.44 5.89 -14.27
C PHE B 226 -2.71 5.39 -15.71
N PHE B 227 -3.97 5.12 -16.07
CA PHE B 227 -4.29 4.56 -17.40
C PHE B 227 -4.88 5.58 -18.38
N MET B 228 -5.38 6.72 -17.90
CA MET B 228 -6.04 7.67 -18.79
C MET B 228 -5.07 8.51 -19.63
N GLU B 229 -5.05 8.27 -20.94
CA GLU B 229 -4.25 9.10 -21.84
C GLU B 229 -4.92 10.47 -22.01
N ASP B 230 -4.13 11.51 -22.20
CA ASP B 230 -4.62 12.88 -22.37
C ASP B 230 -5.38 13.42 -21.15
N CYS B 231 -5.21 12.82 -19.95
CA CYS B 231 -5.86 13.37 -18.76
C CYS B 231 -5.02 14.58 -18.36
N LYS B 232 -5.66 15.73 -18.23
CA LYS B 232 -4.95 16.95 -17.93
C LYS B 232 -5.03 17.35 -16.48
N TYR B 233 -5.20 16.39 -15.56
CA TYR B 233 -5.19 16.65 -14.12
C TYR B 233 -3.82 17.22 -13.77
N GLN B 234 -3.81 18.39 -13.19
CA GLN B 234 -2.63 19.25 -13.08
C GLN B 234 -1.60 18.84 -12.05
N PHE B 235 -1.93 17.96 -11.10
CA PHE B 235 -0.96 17.56 -10.08
C PHE B 235 -0.91 16.02 -9.92
N PRO B 236 -0.27 15.33 -10.88
CA PRO B 236 -0.19 13.85 -10.81
C PRO B 236 0.31 13.27 -9.49
N VAL B 237 1.17 13.97 -8.75
CA VAL B 237 1.71 13.50 -7.47
C VAL B 237 0.57 13.14 -6.48
N PHE B 238 -0.60 13.83 -6.56
CA PHE B 238 -1.72 13.54 -5.66
C PHE B 238 -2.35 12.19 -5.97
N ALA B 239 -2.30 11.70 -7.21
CA ALA B 239 -2.80 10.35 -7.52
C ALA B 239 -1.99 9.30 -6.75
N CYS B 240 -0.67 9.50 -6.65
CA CYS B 240 0.21 8.59 -5.92
C CYS B 240 0.00 8.69 -4.43
N ILE B 241 -0.23 9.90 -3.90
CA ILE B 241 -0.46 10.07 -2.49
C ILE B 241 -1.81 9.42 -2.10
N ILE B 242 -2.90 9.72 -2.81
CA ILE B 242 -4.21 9.13 -2.50
C ILE B 242 -4.18 7.58 -2.58
N MET B 243 -3.53 7.02 -3.62
CA MET B 243 -3.46 5.57 -3.72
C MET B 243 -2.64 4.98 -2.58
N SER B 244 -1.45 5.55 -2.28
CA SER B 244 -0.62 4.99 -1.20
CA SER B 244 -0.61 5.03 -1.18
C SER B 244 -1.31 5.13 0.15
N TYR B 245 -2.00 6.28 0.42
CA TYR B 245 -2.68 6.46 1.70
C TYR B 245 -3.83 5.49 1.83
N SER B 246 -4.62 5.29 0.74
CA SER B 246 -5.74 4.35 0.78
C SER B 246 -5.24 2.92 1.01
N PHE B 247 -4.04 2.56 0.55
CA PHE B 247 -3.41 1.25 0.82
C PHE B 247 -2.93 1.17 2.28
N MET B 248 -2.31 2.26 2.78
CA MET B 248 -1.86 2.31 4.16
C MET B 248 -3.02 2.14 5.15
N PHE B 249 -4.15 2.82 4.88
CA PHE B 249 -5.31 2.73 5.77
C PHE B 249 -6.01 1.39 5.62
N LEU B 250 -6.04 0.83 4.42
CA LEU B 250 -6.65 -0.50 4.22
C LEU B 250 -5.91 -1.55 5.06
N LEU B 251 -4.58 -1.45 5.14
CA LEU B 251 -3.74 -2.35 5.92
C LEU B 251 -3.93 -2.13 7.42
N LEU B 252 -3.97 -0.85 7.85
CA LEU B 252 -4.18 -0.52 9.25
C LEU B 252 -5.57 -0.97 9.68
N PHE B 253 -6.62 -0.74 8.86
CA PHE B 253 -7.98 -1.16 9.22
C PHE B 253 -8.15 -2.70 9.17
N LEU B 254 -7.40 -3.39 8.32
CA LEU B 254 -7.45 -4.86 8.31
C LEU B 254 -6.79 -5.37 9.58
N HIS B 255 -5.68 -4.74 10.04
CA HIS B 255 -5.06 -5.13 11.30
C HIS B 255 -6.05 -4.84 12.46
N PHE B 256 -6.78 -3.72 12.39
CA PHE B 256 -7.80 -3.39 13.38
C PHE B 256 -8.88 -4.47 13.39
N TRP B 257 -9.44 -4.84 12.22
CA TRP B 257 -10.46 -5.90 12.13
C TRP B 257 -9.98 -7.18 12.77
N TYR B 258 -8.73 -7.54 12.49
CA TYR B 258 -8.11 -8.74 12.99
C TYR B 258 -8.08 -8.76 14.52
N ARG B 259 -7.59 -7.69 15.19
CA ARG B 259 -7.49 -7.77 16.65
C ARG B 259 -8.80 -7.44 17.33
N ALA B 260 -9.61 -6.56 16.78
CA ALA B 260 -10.89 -6.20 17.40
C ALA B 260 -11.98 -7.25 17.23
N TYR B 261 -12.03 -7.96 16.09
CA TYR B 261 -13.13 -8.91 15.84
C TYR B 261 -12.66 -10.33 15.74
N THR B 262 -11.66 -10.62 14.88
CA THR B 262 -11.16 -11.98 14.70
C THR B 262 -10.56 -12.50 16.01
N LYS B 263 -9.83 -11.65 16.76
CA LYS B 263 -9.30 -12.05 18.07
C LYS B 263 -10.16 -11.54 19.25
N GLY B 264 -11.26 -10.85 18.97
CA GLY B 264 -12.25 -10.38 19.93
C GLY B 264 -11.83 -9.37 20.97
N GLN B 265 -10.90 -8.47 20.64
CA GLN B 265 -10.44 -7.48 21.62
C GLN B 265 -11.41 -6.31 21.78
N ARG B 266 -12.18 -5.97 20.74
CA ARG B 266 -13.12 -4.86 20.81
C ARG B 266 -14.44 -5.20 20.08
N LEU B 267 -15.05 -6.33 20.46
CA LEU B 267 -16.32 -6.78 19.89
C LEU B 267 -17.47 -5.84 20.24
N PRO B 268 -18.55 -5.78 19.44
CA PRO B 268 -19.70 -4.96 19.83
C PRO B 268 -20.33 -5.48 21.13
N LYS B 269 -20.94 -4.57 21.89
CA LYS B 269 -21.53 -4.89 23.17
C LYS B 269 -22.99 -5.34 22.99
C16 OFN C . 16.28 -6.88 -24.04
C17 OFN C . 16.57 -6.74 -22.55
C18 OFN C . 17.24 -8.15 -20.57
C19 OFN C . 18.28 -7.75 -18.67
C20 OFN C . 17.51 -9.90 -18.98
C21 OFN C . 17.06 -9.49 -20.25
C22 OFN C . 16.28 -9.24 -22.21
O10 OFN C . 12.77 -5.09 -21.98
O14 OFN C . 16.15 -3.23 -26.31
O15 OFN C . 17.45 -7.18 -24.79
C23 OFN C . 9.20 -11.08 -9.69
C24 OFN C . 8.07 -10.11 -9.44
C25 OFN C . 8.03 -9.37 -8.11
O17 OFN C . 9.49 -11.90 -8.85
C26 OFN C . 7.56 -10.22 -6.94
C27 OFN C . 6.25 -9.74 -6.30
C28 OFN C . 5.75 -10.63 -5.16
C29 OFN C . 4.31 -10.34 -4.68
C30 OFN C . 4.17 -9.54 -3.39
C31 OFN C . 4.35 -10.34 -2.10
C32 OFN C . 5.80 -10.55 -1.73
C33 OFN C . 6.09 -10.90 -0.29
C34 OFN C . 7.55 -11.27 -0.08
C35 OFN C . 7.92 -11.67 1.34
C36 OFN C . 7.29 -12.96 1.79
C37 OFN C . 7.87 -13.50 3.08
C38 OFN C . 7.75 -15.01 3.20
C39 OFN C . 6.43 -15.49 3.70
C40 OFN C . 6.38 -16.98 3.88
C OFN C . 10.06 -10.98 -11.03
C1 OFN C . 10.16 -9.74 -11.90
O OFN C . 11.04 -9.60 -12.71
S OFN C . 9.06 -8.42 -11.47
C2 OFN C . 10.09 -6.91 -11.74
C3 OFN C . 10.70 -6.71 -13.13
N OFN C . 10.29 -5.49 -13.82
C4 OFN C . 11.13 -4.50 -14.15
O1 OFN C . 12.34 -4.57 -13.95
C5 OFN C . 10.54 -3.24 -14.74
C6 OFN C . 9.03 -3.16 -14.69
N1 OFN C . 8.43 -3.50 -15.97
C7 OFN C . 7.85 -4.67 -16.20
O2 OFN C . 7.86 -5.57 -15.37
C8 OFN C . 7.13 -4.83 -17.53
O3 OFN C . 5.77 -5.18 -17.29
C9 OFN C . 7.85 -5.74 -18.54
C10 OFN C . 7.07 -5.80 -19.87
C11 OFN C . 7.99 -7.17 -17.99
C12 OFN C . 9.25 -5.20 -18.83
O4 OFN C . 9.16 -3.88 -19.38
P OFN C . 10.35 -2.85 -19.63
O5 OFN C . 9.97 -1.63 -20.37
O6 OFN C . 10.99 -2.56 -18.29
O7 OFN C . 11.44 -3.65 -20.46
P1 OFN C . 11.82 -3.76 -22.00
O8 OFN C . 10.63 -3.99 -22.84
O9 OFN C . 12.72 -2.58 -22.36
C13 OFN C . 13.43 -5.43 -23.21
C14 OFN C . 14.91 -5.17 -23.06
O16 OFN C . 15.47 -6.01 -22.02
C15 OFN C . 15.74 -5.47 -24.31
O11 OFN C . 16.85 -4.56 -24.40
P2 OFN C . 17.37 -3.96 -25.75
O13 OFN C . 18.44 -2.96 -25.34
O12 OFN C . 17.90 -5.09 -26.62
N2 OFN C . 16.70 -7.99 -21.83
N6 OFN C . 16.47 -10.17 -21.31
N5 OFN C . 17.29 -11.12 -18.46
N4 OFN C . 18.14 -8.99 -18.22
N3 OFN C . 17.84 -7.22 -19.82
OAL 37X D . 6.64 -8.93 -40.63
OAN 37X D . 0.74 -9.17 -39.24
C1 37X D . 2.17 -15.93 -39.94
O1 37X D . 3.34 -15.37 -39.41
C2 37X D . 1.57 -14.95 -40.95
O2 37X D . 2.55 -14.36 -41.79
C3 37X D . 0.50 -15.73 -41.70
O3 37X D . 0.06 -15.12 -42.90
C4 37X D . -0.59 -16.13 -40.71
O4 37X D . -1.69 -16.79 -41.33
C5 37X D . 0.06 -17.00 -39.63
O5 37X D . 1.17 -16.30 -39.01
C6 37X D . -0.86 -17.49 -38.55
O6 37X D . -0.93 -18.91 -38.63
OAP 37X D . 1.44 -11.54 -37.88
CBC 37X D . 8.87 -12.57 -31.74
CBD 37X D . 8.20 -21.58 -37.69
CBE 37X D . 8.71 -13.81 -32.61
CBF 37X D . 8.06 -20.35 -38.51
CBG 37X D . 8.30 -13.50 -34.06
CBH 37X D . 7.41 -19.24 -37.75
CBI 37X D . 6.93 -14.03 -34.45
CBJ 37X D . 7.18 -17.96 -38.54
CBK 37X D . 6.71 -14.08 -35.95
CBL 37X D . 6.03 -17.14 -37.99
CBP 37X D . 5.34 -9.15 -41.15
CBQ 37X D . 5.34 -14.65 -36.33
CBR 37X D . 6.04 -15.69 -38.50
CBS 37X D . 3.63 -15.33 -38.02
CBT 37X D . 5.13 -13.36 -38.49
OBV 37X D . 3.91 -12.68 -38.32
OBX 37X D . 4.53 -10.90 -39.76
OCB 37X D . 2.79 -7.77 -40.59
CCF 37X D . 4.39 -9.49 -40.05
CCH 37X D . 2.10 -9.58 -39.14
CCJ 37X D . 3.75 -11.34 -38.65
CCL 37X D . 2.26 -11.07 -38.93
CCM 37X D . 5.03 -14.74 -37.83
CCQ 37X D . 2.93 -9.15 -40.35
OAL 37X E . 1.70 -12.91 -35.55
OAN 37X E . -1.71 -17.86 -34.45
C1 37X E . 3.69 -19.93 -35.99
O1 37X E . 3.55 -19.24 -34.80
C2 37X E . 2.59 -19.44 -36.94
O2 37X E . 2.70 -18.05 -37.17
C3 37X E . 2.68 -20.25 -38.24
O3 37X E . 1.76 -19.82 -39.24
C4 37X E . 2.49 -21.72 -37.89
O4 37X E . 2.40 -22.53 -39.06
C5 37X E . 3.65 -22.12 -36.97
O5 37X E . 3.58 -21.33 -35.77
C6 37X E . 3.65 -23.57 -36.56
O6 37X E . 4.38 -24.30 -37.53
OAP 37X E . 0.42 -18.60 -32.79
CBC 37X E . 7.30 -18.27 -26.50
CBD 37X E . 11.85 -17.80 -32.21
CBE 37X E . 6.02 -17.48 -26.74
CBF 37X E . 10.67 -16.90 -32.54
CBG 37X E . 5.87 -16.97 -28.18
CBH 37X E . 9.30 -17.60 -32.44
CBI 37X E . 5.67 -18.04 -29.25
CBJ 37X E . 8.88 -18.43 -33.64
CBK 37X E . 5.46 -17.48 -30.65
CBL 37X E . 7.45 -18.96 -33.55
CBP 37X E . 0.97 -14.03 -36.01
CBQ 37X E . 4.96 -18.53 -31.64
CBR 37X E . 6.39 -17.85 -33.61
CBS 37X E . 4.49 -19.50 -33.78
CBT 37X E . 4.08 -16.94 -33.41
OBV 37X E . 2.78 -17.16 -32.88
OBX 37X E . 1.81 -15.61 -34.43
OCB 37X E . -1.68 -15.30 -35.64
CCF 37X E . 0.59 -14.94 -34.88
CCH 37X E . -0.69 -16.92 -34.13
CCJ 37X E . 1.61 -16.53 -33.36
CCL 37X E . 0.62 -17.61 -33.78
CCM 37X E . 4.95 -18.18 -33.15
CCQ 37X E . -0.47 -15.95 -35.28
OAL 37X F . 5.38 -13.06 -30.50
OAN 37X F . -0.33 -12.57 -32.74
C1 37X F . 0.05 -18.76 -28.49
O1 37X F . 0.85 -17.73 -27.98
C2 37X F . 0.94 -19.64 -29.36
O2 37X F . 2.01 -20.18 -28.61
C3 37X F . 0.10 -20.77 -29.96
O3 37X F . 0.89 -21.51 -30.89
C4 37X F . -1.16 -20.24 -30.65
O4 37X F . -2.01 -21.31 -31.02
C5 37X F . -1.93 -19.29 -29.71
O5 37X F . -1.05 -18.26 -29.23
C6 37X F . -3.09 -18.60 -30.40
O6 37X F . -4.01 -18.07 -29.46
OAP 37X F . -0.96 -13.74 -30.25
CBC 37X F . -0.47 -12.06 -20.32
CBE 37X F . 0.01 -11.95 -21.74
CBG 37X F . 0.17 -13.29 -22.39
CBI 37X F . 0.57 -13.23 -23.84
CBK 37X F . 0.56 -14.60 -24.52
CBP 37X F . 4.49 -13.19 -31.61
CBQ 37X F . 0.91 -14.53 -26.00
CBR 37X F . 2.49 -16.50 -25.77
CBS 37X F . 0.35 -16.82 -27.02
CBT 37X F . 2.13 -15.38 -27.96
OBV 37X F . 1.14 -15.05 -28.91
OBX 37X F . 2.70 -14.05 -30.29
OCB 37X F . 2.39 -11.78 -33.16
CCF 37X F . 3.06 -12.96 -31.16
CCH 37X F . 0.66 -12.72 -31.73
CCJ 37X F . 1.41 -13.95 -29.72
CCL 37X F . 0.34 -13.90 -30.81
CCM 37X F . 1.45 -15.82 -26.67
CCQ 37X F . 2.06 -12.87 -32.32
CL CL G . 9.48 2.67 -13.38
C16 OFN H . -17.80 6.04 23.43
C17 OFN H . -16.51 6.66 22.91
C18 OFN H . -15.74 8.78 21.73
C19 OFN H . -13.83 9.86 21.60
C20 OFN H . -15.59 10.71 20.35
C21 OFN H . -16.37 9.67 20.88
C22 OFN H . -17.86 8.28 21.49
O10 OFN H . -15.88 3.38 20.44
O14 OFN H . -17.54 2.67 26.02
O15 OFN H . -18.32 6.70 24.58
C23 OFN H . -11.69 9.48 8.48
C24 OFN H . -11.10 8.20 7.94
C25 OFN H . -9.68 8.29 7.39
O17 OFN H . -11.58 10.51 7.83
C26 OFN H . -9.58 9.07 6.08
C27 OFN H . -9.56 8.21 4.81
C28 OFN H . -9.32 9.01 3.52
C29 OFN H . -9.15 8.23 2.22
C30 OFN H . -7.73 7.77 1.85
C31 OFN H . -6.92 8.71 0.94
C32 OFN H . -6.59 10.04 1.60
C33 OFN H . -5.54 10.89 0.92
C34 OFN H . -5.23 12.14 1.75
C35 OFN H . -4.29 13.14 1.07
C36 OFN H . -4.91 13.89 -0.09
C37 OFN H . -4.05 15.04 -0.59
C38 OFN H . -4.82 16.16 -1.28
C39 OFN H . -5.62 15.72 -2.48
C40 OFN H . -6.16 16.86 -3.31
C OFN H . -12.36 9.56 9.93
C1 OFN H . -12.32 8.43 10.94
O OFN H . -12.62 8.62 12.09
S OFN H . -11.55 6.94 10.40
C2 OFN H . -10.55 6.45 11.88
C3 OFN H . -11.20 6.28 13.25
N OFN H . -11.01 4.93 13.79
C4 OFN H . -10.32 4.65 14.90
O1 OFN H . -9.87 5.51 15.63
C5 OFN H . -10.10 3.18 15.22
C6 OFN H . -10.49 2.22 14.11
N1 OFN H . -11.81 1.63 14.32
C7 OFN H . -12.88 1.98 13.61
O2 OFN H . -12.84 2.83 12.73
C8 OFN H . -14.18 1.23 13.91
O3 OFN H . -14.69 0.73 12.69
C9 OFN H . -15.25 1.99 14.74
C10 OFN H . -16.48 1.10 14.94
C11 OFN H . -15.68 3.28 14.03
C12 OFN H . -14.69 2.37 16.10
O4 OFN H . -14.12 1.21 16.73
P OFN H . -13.38 1.16 18.10
O5 OFN H . -13.34 -0.19 18.73
O6 OFN H . -12.07 1.91 17.91
O7 OFN H . -14.32 2.12 18.96
P1 OFN H . -15.39 1.89 20.11
O8 OFN H . -16.54 1.08 19.67
O9 OFN H . -14.65 1.42 21.34
C13 OFN H . -16.91 3.56 21.41
C14 OFN H . -16.33 4.36 22.55
O16 OFN H . -15.92 5.67 22.09
C15 OFN H . -17.30 4.62 23.70
O11 OFN H . -16.52 4.61 24.92
P2 OFN H . -17.05 4.09 26.30
O13 OFN H . -15.83 4.06 27.25
O12 OFN H . -18.12 5.05 26.77
N2 OFN H . -16.71 7.86 22.10
N6 OFN H . -17.72 9.35 20.74
N5 OFN H . -16.02 11.57 19.42
N4 OFN H . -14.30 10.78 20.75
N3 OFN H . -14.48 8.82 22.13
OAL 37X I . -8.97 39.41 -5.78
OAN 37X I . -3.28 37.05 -5.66
C1 37X I . -6.43 37.29 -10.88
O1 37X I . -6.27 38.63 -10.56
C2 37X I . -6.59 36.51 -9.57
O2 37X I . -7.67 37.02 -8.81
C3 37X I . -6.79 35.04 -9.89
O3 37X I . -6.98 34.26 -8.71
C4 37X I . -5.63 34.52 -10.75
O4 37X I . -5.82 33.15 -11.07
C5 37X I . -5.53 35.36 -12.02
O5 37X I . -5.37 36.75 -11.66
C6 37X I . -4.36 34.99 -12.90
O6 37X I . -3.13 34.99 -12.19
OAP 37X I . -2.75 39.59 -6.99
CBC 37X I . -1.67 43.14 -7.41
CBD 37X I . -5.90 42.87 -17.33
CBE 37X I . -2.82 44.13 -7.59
CBF 37X I . -6.16 42.95 -15.84
CBG 37X I . -2.84 44.82 -8.96
CBH 37X I . -7.20 41.96 -15.36
CBI 37X I . -3.00 43.90 -10.16
CBJ 37X I . -7.48 42.00 -13.88
CBK 37X I . -4.36 43.24 -10.27
CBL 37X I . -6.33 41.50 -13.03
CBP 37X I . -8.09 38.29 -5.72
CBQ 37X I . -4.29 41.80 -10.78
CBR 37X I . -6.64 41.47 -11.54
CBS 37X I . -5.22 39.47 -11.03
CBT 37X I . -6.04 40.95 -9.18
OBV 37X I . -4.95 40.72 -8.30
OBX 37X I . -6.42 39.44 -6.98
OCB 37X I . -5.86 36.74 -4.55
CCF 37X I . -6.64 38.70 -5.76
CCH 37X I . -4.24 38.10 -5.74
CCJ 37X I . -5.13 40.03 -7.09
CCL 37X I . -4.03 38.97 -7.00
CCM 37X I . -5.53 40.91 -10.63
CCQ 37X I . -5.66 37.54 -5.70
CL CL J . -5.70 -0.86 15.72
#